data_2VX6
#
_entry.id   2VX6
#
_cell.length_a   84.529
_cell.length_b   84.529
_cell.length_c   244.322
_cell.angle_alpha   90.00
_cell.angle_beta   90.00
_cell.angle_gamma   120.00
#
_symmetry.space_group_name_H-M   'P 61 2 2'
#
loop_
_entity.id
_entity.type
_entity.pdbx_description
1 polymer 'CELLVIBRIO JAPONICUS MANNANASE CJMAN26C'
2 branched beta-D-mannopyranose-(1-4)-[alpha-D-galactopyranose-(1-6)]beta-D-mannopyranose-(1-4)-beta-D-mannopyranose-(1-4)-beta-D-mannopyranose
3 non-polymer 'SODIUM ION'
4 water water
#
_entity_poly.entity_id   1
_entity_poly.type   'polypeptide(L)'
_entity_poly.pdbx_seq_one_letter_code
;MSEKPAESAAAVADSATTTAPQSGKPETALPALIDTQATAETRALYRNLAKLRYKHLLFGHEDSLAYGVHWEGDMDRSDV
RDVTGANPAVYGWELGGLELGHTANLDAVNFEKMQHWIKAGYSRGGVITISWHVFNPVSGGNSWDKTPAVHELIPGGARH
ATLKAYLDTFVAFNEGLADVDAQGNKHYPPIIFRPWHEHNGDWFWWGKGHASEQDYIALWRFTVHYLRDEKKLRNLIYAY
SPDRSRIDMANFEAGYLYGYPGDAYVDIIGLDNYWDVGHEANTASADEQKAALTASLKQLVQIARSKGKIAALTETGNNR
LTIDNFWTERLLGPISADADASEIAYVMVWRNANLAREKSEQFFAPFPGQATADDFKRFYQSEVVLFEDELPPLYR
;
_entity_poly.pdbx_strand_id   A
#
# COMPACT_ATOMS: atom_id res chain seq x y z
N LEU A 30 9.83 17.29 -8.05
CA LEU A 30 9.47 18.46 -7.20
C LEU A 30 9.10 18.10 -5.74
N PRO A 31 8.24 17.09 -5.50
CA PRO A 31 8.13 16.62 -4.13
CA PRO A 31 8.11 16.64 -4.13
C PRO A 31 9.48 16.11 -3.68
N ALA A 32 9.75 16.30 -2.39
CA ALA A 32 10.99 15.84 -1.74
C ALA A 32 10.67 14.84 -0.64
N LEU A 33 11.45 13.78 -0.59
CA LEU A 33 11.30 12.77 0.47
C LEU A 33 11.67 13.33 1.84
N ILE A 34 11.04 12.78 2.86
CA ILE A 34 11.39 13.11 4.25
C ILE A 34 12.79 12.59 4.63
N ASP A 35 13.26 11.58 3.92
CA ASP A 35 14.65 11.13 4.10
C ASP A 35 15.50 11.87 3.09
N THR A 36 16.18 12.89 3.61
CA THR A 36 17.04 13.74 2.78
C THR A 36 18.27 13.00 2.25
N GLN A 37 18.51 11.81 2.78
CA GLN A 37 19.66 10.98 2.45
C GLN A 37 19.26 9.67 1.77
N ALA A 38 18.03 9.64 1.31
CA ALA A 38 17.50 8.43 0.64
C ALA A 38 18.44 7.98 -0.47
N THR A 39 18.49 6.68 -0.67
CA THR A 39 19.34 6.11 -1.71
C THR A 39 18.97 6.67 -3.07
N ALA A 40 19.91 6.59 -3.99
CA ALA A 40 19.68 7.10 -5.35
C ALA A 40 18.43 6.49 -5.98
N GLU A 41 18.26 5.20 -5.76
CA GLU A 41 17.13 4.46 -6.34
CA GLU A 41 17.13 4.46 -6.34
C GLU A 41 15.80 4.89 -5.73
N THR A 42 15.84 5.18 -4.43
CA THR A 42 14.63 5.59 -3.67
C THR A 42 14.21 7.00 -4.10
N ARG A 43 15.21 7.87 -4.21
CA ARG A 43 14.97 9.24 -4.68
CA ARG A 43 14.96 9.25 -4.69
C ARG A 43 14.41 9.23 -6.11
N ALA A 44 14.98 8.37 -6.93
CA ALA A 44 14.56 8.24 -8.33
C ALA A 44 13.11 7.76 -8.41
N LEU A 45 12.77 6.78 -7.58
CA LEU A 45 11.40 6.25 -7.59
C LEU A 45 10.41 7.35 -7.30
N TYR A 46 10.68 8.11 -6.25
CA TYR A 46 9.74 9.16 -5.84
C TYR A 46 9.62 10.24 -6.92
N ARG A 47 10.75 10.60 -7.49
CA ARG A 47 10.79 11.63 -8.55
C ARG A 47 10.00 11.15 -9.77
N ASN A 48 10.20 9.89 -10.12
CA ASN A 48 9.54 9.33 -11.30
C ASN A 48 8.04 9.11 -11.10
N LEU A 49 7.65 8.73 -9.89
CA LEU A 49 6.22 8.67 -9.57
C LEU A 49 5.59 10.06 -9.69
N ALA A 50 6.34 11.06 -9.25
CA ALA A 50 5.84 12.44 -9.28
C ALA A 50 5.62 12.90 -10.72
N LYS A 51 6.46 12.39 -11.61
CA LYS A 51 6.38 12.75 -13.05
C LYS A 51 5.26 12.01 -13.77
N LEU A 52 5.14 10.73 -13.47
CA LEU A 52 4.25 9.86 -14.24
CA LEU A 52 4.25 9.81 -14.19
C LEU A 52 2.79 9.99 -13.80
N ARG A 53 2.58 10.55 -12.64
CA ARG A 53 1.23 10.54 -12.04
C ARG A 53 0.18 11.32 -12.82
N TYR A 54 0.61 12.30 -13.59
CA TYR A 54 -0.34 13.17 -14.28
C TYR A 54 -1.09 12.41 -15.34
N LYS A 55 -0.37 11.58 -16.06
CA LYS A 55 -0.91 10.89 -17.26
C LYS A 55 -1.09 9.40 -17.08
N HIS A 56 -0.57 8.87 -15.98
CA HIS A 56 -0.61 7.41 -15.76
C HIS A 56 -0.92 7.03 -14.33
N LEU A 57 -1.28 5.76 -14.24
CA LEU A 57 -1.69 5.10 -13.01
C LEU A 57 -1.05 3.74 -12.96
N LEU A 58 -0.18 3.49 -11.98
CA LEU A 58 0.38 2.15 -11.81
C LEU A 58 -0.61 1.24 -11.09
N PHE A 59 -0.71 0.02 -11.59
CA PHE A 59 -1.57 -0.99 -10.97
C PHE A 59 -0.77 -1.88 -10.05
N GLY A 60 -1.33 -2.07 -8.86
CA GLY A 60 -0.76 -2.95 -7.85
C GLY A 60 -1.65 -4.05 -7.35
N HIS A 61 -1.02 -5.11 -6.86
CA HIS A 61 -1.73 -6.26 -6.31
C HIS A 61 -0.96 -6.80 -5.11
N GLU A 62 -1.69 -7.11 -4.06
CA GLU A 62 -1.13 -7.67 -2.82
C GLU A 62 -0.84 -9.16 -2.97
N ASP A 63 0.33 -9.57 -2.48
CA ASP A 63 0.76 -10.99 -2.44
C ASP A 63 0.70 -11.65 -3.81
N SER A 64 1.03 -10.88 -4.83
CA SER A 64 0.71 -11.25 -6.20
C SER A 64 1.46 -12.47 -6.69
N LEU A 65 2.67 -12.62 -6.17
CA LEU A 65 3.54 -13.75 -6.55
C LEU A 65 3.47 -14.92 -5.57
N ALA A 66 2.81 -14.71 -4.45
CA ALA A 66 2.85 -15.76 -3.39
C ALA A 66 1.92 -16.94 -3.65
N TYR A 67 0.77 -16.61 -4.21
CA TYR A 67 -0.32 -17.59 -4.43
C TYR A 67 -1.41 -16.89 -5.23
N GLY A 68 -2.33 -17.69 -5.70
CA GLY A 68 -3.59 -17.17 -6.24
C GLY A 68 -4.74 -17.99 -5.72
N VAL A 69 -5.91 -17.71 -6.26
CA VAL A 69 -7.13 -18.36 -5.78
C VAL A 69 -7.01 -19.89 -5.90
N HIS A 70 -6.43 -20.31 -7.01
CA HIS A 70 -6.41 -21.73 -7.40
C HIS A 70 -5.02 -22.37 -7.49
N TRP A 71 -4.02 -21.68 -6.98
CA TRP A 71 -2.66 -22.22 -7.01
C TRP A 71 -1.82 -21.68 -5.86
N GLU A 72 -0.86 -22.49 -5.48
CA GLU A 72 0.20 -22.07 -4.55
C GLU A 72 1.37 -23.03 -4.64
N GLY A 73 2.56 -22.45 -4.66
CA GLY A 73 3.83 -23.19 -4.74
C GLY A 73 4.78 -22.74 -5.83
N ASP A 74 4.22 -22.37 -6.95
CA ASP A 74 5.00 -21.88 -8.10
C ASP A 74 5.82 -20.67 -7.65
N MET A 75 7.09 -20.68 -8.01
CA MET A 75 8.00 -19.63 -7.58
C MET A 75 8.03 -18.42 -8.50
N ASP A 76 7.31 -18.49 -9.61
CA ASP A 76 7.17 -17.30 -10.51
C ASP A 76 5.86 -17.30 -11.29
N ARG A 77 4.82 -16.99 -10.54
CA ARG A 77 3.46 -16.96 -11.06
C ARG A 77 2.63 -15.88 -10.38
N SER A 78 1.63 -15.38 -11.09
CA SER A 78 0.65 -14.43 -10.55
C SER A 78 -0.68 -14.57 -11.28
N ASP A 79 -1.78 -14.56 -10.55
CA ASP A 79 -3.12 -14.50 -11.16
C ASP A 79 -3.23 -13.35 -12.18
N VAL A 80 -2.62 -12.23 -11.83
CA VAL A 80 -2.68 -11.03 -12.66
C VAL A 80 -2.03 -11.28 -14.02
N ARG A 81 -0.88 -11.94 -13.98
CA ARG A 81 -0.12 -12.28 -15.20
C ARG A 81 -0.84 -13.36 -16.00
N ASP A 82 -1.45 -14.28 -15.28
CA ASP A 82 -2.17 -15.36 -15.96
C ASP A 82 -3.31 -14.81 -16.81
N VAL A 83 -3.90 -13.70 -16.35
CA VAL A 83 -5.01 -13.08 -17.08
C VAL A 83 -4.53 -12.15 -18.20
N THR A 84 -3.54 -11.32 -17.88
CA THR A 84 -3.16 -10.22 -18.76
C THR A 84 -1.88 -10.42 -19.55
N GLY A 85 -1.05 -11.34 -19.09
CA GLY A 85 0.28 -11.54 -19.64
C GLY A 85 1.37 -10.71 -18.99
N ALA A 86 0.94 -9.86 -18.05
CA ALA A 86 1.86 -8.96 -17.34
C ALA A 86 1.69 -9.02 -15.82
N ASN A 87 2.80 -8.86 -15.14
CA ASN A 87 2.80 -8.68 -13.68
C ASN A 87 2.25 -7.30 -13.32
N PRO A 88 1.73 -7.14 -12.10
CA PRO A 88 1.42 -5.78 -11.63
C PRO A 88 2.67 -4.93 -11.61
N ALA A 89 2.48 -3.63 -11.73
CA ALA A 89 3.57 -2.65 -11.59
C ALA A 89 4.03 -2.48 -10.15
N VAL A 90 3.06 -2.58 -9.25
CA VAL A 90 3.27 -2.45 -7.80
C VAL A 90 2.93 -3.76 -7.12
N TYR A 91 3.88 -4.23 -6.33
CA TYR A 91 3.72 -5.45 -5.54
C TYR A 91 3.60 -5.11 -4.07
N GLY A 92 2.46 -5.45 -3.50
CA GLY A 92 2.21 -5.29 -2.07
C GLY A 92 2.55 -6.57 -1.33
N TRP A 93 3.15 -6.36 -0.16
CA TRP A 93 3.53 -7.43 0.76
C TRP A 93 3.20 -7.01 2.19
N GLU A 94 3.19 -8.00 3.06
CA GLU A 94 2.61 -7.85 4.42
C GLU A 94 3.45 -8.57 5.45
N LEU A 95 3.83 -7.84 6.50
CA LEU A 95 4.80 -8.37 7.47
C LEU A 95 4.25 -8.98 8.75
N GLY A 96 2.94 -8.90 8.97
CA GLY A 96 2.38 -9.34 10.25
C GLY A 96 2.86 -10.72 10.63
N GLY A 97 3.43 -10.79 11.83
CA GLY A 97 4.02 -12.02 12.35
C GLY A 97 5.54 -12.00 12.41
N LEU A 98 6.12 -11.18 11.55
CA LEU A 98 7.60 -11.00 11.52
C LEU A 98 8.12 -10.63 12.91
N GLU A 99 7.36 -9.78 13.55
CA GLU A 99 7.74 -9.20 14.85
C GLU A 99 7.77 -10.23 15.97
N LEU A 100 7.07 -11.33 15.73
CA LEU A 100 6.98 -12.46 16.67
C LEU A 100 8.01 -13.54 16.38
N GLY A 101 8.83 -13.30 15.37
CA GLY A 101 9.84 -14.27 14.95
C GLY A 101 9.31 -15.46 14.16
N HIS A 102 8.11 -15.29 13.63
CA HIS A 102 7.50 -16.35 12.81
C HIS A 102 8.24 -16.53 11.50
N THR A 103 8.22 -17.76 11.00
CA THR A 103 8.82 -18.18 9.72
CA THR A 103 8.88 -18.05 9.74
C THR A 103 8.05 -17.61 8.53
N ALA A 104 6.77 -17.46 8.77
CA ALA A 104 5.81 -16.99 7.76
C ALA A 104 4.86 -15.96 8.35
N ASN A 105 4.29 -15.14 7.47
CA ASN A 105 3.39 -14.07 7.92
C ASN A 105 2.01 -14.63 8.28
N LEU A 106 1.11 -13.73 8.60
CA LEU A 106 -0.20 -14.14 9.16
C LEU A 106 -1.08 -14.87 8.16
N ASP A 107 -0.70 -14.77 6.89
CA ASP A 107 -1.38 -15.48 5.80
C ASP A 107 -0.55 -16.63 5.24
N ALA A 108 0.43 -17.03 6.03
CA ALA A 108 1.32 -18.16 5.73
C ALA A 108 2.24 -17.94 4.53
N VAL A 109 2.57 -16.69 4.29
CA VAL A 109 3.60 -16.36 3.29
C VAL A 109 4.98 -16.41 3.95
N ASN A 110 5.78 -17.36 3.49
CA ASN A 110 7.12 -17.58 4.01
C ASN A 110 7.98 -16.34 3.80
N PHE A 111 8.64 -15.88 4.86
CA PHE A 111 9.41 -14.63 4.77
C PHE A 111 10.62 -14.69 3.84
N GLU A 112 11.30 -15.85 3.80
CA GLU A 112 12.43 -16.01 2.88
CA GLU A 112 12.43 -16.03 2.90
C GLU A 112 11.95 -15.95 1.44
N LYS A 113 10.82 -16.60 1.17
CA LYS A 113 10.24 -16.56 -0.18
C LYS A 113 9.82 -15.14 -0.53
N MET A 114 9.27 -14.45 0.46
CA MET A 114 8.86 -13.05 0.30
C MET A 114 10.05 -12.18 -0.11
N GLN A 115 11.18 -12.40 0.54
CA GLN A 115 12.40 -11.65 0.21
C GLN A 115 12.80 -11.93 -1.24
N HIS A 116 12.72 -13.19 -1.62
CA HIS A 116 13.03 -13.60 -3.01
C HIS A 116 12.11 -12.91 -4.01
N TRP A 117 10.82 -12.88 -3.67
CA TRP A 117 9.80 -12.33 -4.57
C TRP A 117 9.94 -10.80 -4.69
N ILE A 118 10.26 -10.17 -3.58
CA ILE A 118 10.53 -8.71 -3.58
C ILE A 118 11.71 -8.38 -4.49
N LYS A 119 12.77 -9.14 -4.32
CA LYS A 119 13.98 -8.95 -5.14
C LYS A 119 13.68 -9.20 -6.60
N ALA A 120 12.87 -10.21 -6.87
CA ALA A 120 12.53 -10.59 -8.25
C ALA A 120 11.71 -9.48 -8.93
N GLY A 121 10.70 -9.01 -8.22
CA GLY A 121 9.85 -7.94 -8.77
C GLY A 121 10.62 -6.66 -9.02
N TYR A 122 11.44 -6.31 -8.03
CA TYR A 122 12.29 -5.13 -8.15
C TYR A 122 13.27 -5.24 -9.32
N SER A 123 13.81 -6.43 -9.50
CA SER A 123 14.78 -6.67 -10.58
CA SER A 123 14.78 -6.66 -10.58
C SER A 123 14.18 -6.44 -11.96
N ARG A 124 12.87 -6.65 -12.05
CA ARG A 124 12.13 -6.42 -13.29
C ARG A 124 11.64 -4.99 -13.44
N GLY A 125 11.93 -4.17 -12.44
CA GLY A 125 11.55 -2.76 -12.47
C GLY A 125 10.28 -2.39 -11.75
N GLY A 126 9.67 -3.39 -11.12
CA GLY A 126 8.47 -3.15 -10.32
C GLY A 126 8.73 -2.37 -9.05
N VAL A 127 7.63 -1.92 -8.47
CA VAL A 127 7.60 -1.15 -7.22
C VAL A 127 7.14 -2.05 -6.08
N ILE A 128 7.76 -1.84 -4.91
CA ILE A 128 7.49 -2.63 -3.72
C ILE A 128 6.83 -1.77 -2.64
N THR A 129 5.74 -2.26 -2.09
CA THR A 129 5.09 -1.62 -0.95
C THR A 129 4.74 -2.66 0.09
N ILE A 130 4.89 -2.26 1.35
CA ILE A 130 4.75 -3.18 2.48
C ILE A 130 3.87 -2.57 3.58
N SER A 131 2.87 -3.34 3.97
CA SER A 131 2.02 -3.04 5.13
C SER A 131 2.36 -4.00 6.27
N TRP A 132 1.77 -3.74 7.43
CA TRP A 132 2.16 -4.45 8.65
C TRP A 132 1.03 -4.54 9.66
N HIS A 133 0.34 -5.66 9.58
CA HIS A 133 -0.73 -5.98 10.53
C HIS A 133 -0.07 -6.55 11.78
N VAL A 134 0.43 -5.64 12.59
CA VAL A 134 1.20 -5.98 13.79
C VAL A 134 0.31 -6.68 14.81
N PHE A 135 0.80 -7.79 15.34
CA PHE A 135 0.09 -8.54 16.39
C PHE A 135 0.03 -7.68 17.65
N ASN A 136 -0.98 -7.94 18.46
CA ASN A 136 -1.19 -7.21 19.70
C ASN A 136 -0.18 -7.70 20.74
N PRO A 137 0.73 -6.82 21.20
CA PRO A 137 1.78 -7.31 22.10
C PRO A 137 1.27 -7.62 23.50
N VAL A 138 0.15 -7.03 23.85
CA VAL A 138 -0.37 -7.18 25.21
C VAL A 138 -0.99 -8.55 25.37
N SER A 139 -1.76 -8.95 24.37
CA SER A 139 -2.53 -10.21 24.43
C SER A 139 -1.93 -11.36 23.65
N GLY A 140 -1.12 -11.03 22.66
CA GLY A 140 -0.60 -12.02 21.71
C GLY A 140 -1.57 -12.33 20.57
N GLY A 141 -2.71 -11.66 20.63
CA GLY A 141 -3.71 -11.72 19.56
C GLY A 141 -3.25 -10.98 18.32
N ASN A 142 -4.06 -11.02 17.27
CA ASN A 142 -3.72 -10.36 16.00
C ASN A 142 -4.15 -8.89 16.02
N SER A 143 -4.02 -8.23 14.87
CA SER A 143 -4.27 -6.78 14.79
C SER A 143 -5.68 -6.37 15.15
N TRP A 144 -6.59 -7.33 15.02
CA TRP A 144 -8.02 -7.11 15.25
C TRP A 144 -8.43 -7.33 16.70
N ASP A 145 -7.46 -7.75 17.50
CA ASP A 145 -7.62 -7.82 18.98
C ASP A 145 -7.41 -6.40 19.46
N LYS A 146 -8.48 -5.82 19.98
CA LYS A 146 -8.52 -4.37 20.31
C LYS A 146 -7.99 -4.02 21.69
N THR A 147 -7.37 -4.99 22.34
CA THR A 147 -6.76 -4.73 23.66
C THR A 147 -5.82 -3.54 23.53
N PRO A 148 -6.00 -2.49 24.36
CA PRO A 148 -5.13 -1.33 24.16
C PRO A 148 -3.65 -1.61 24.32
N ALA A 149 -2.89 -1.02 23.41
CA ALA A 149 -1.44 -1.21 23.39
C ALA A 149 -0.61 0.01 23.03
N VAL A 150 -1.18 0.95 22.29
CA VAL A 150 -0.35 2.07 21.79
C VAL A 150 0.26 2.89 22.92
N HIS A 151 -0.53 3.20 23.92
CA HIS A 151 -0.05 4.03 25.03
C HIS A 151 1.18 3.40 25.68
N GLU A 152 1.19 2.08 25.72
CA GLU A 152 2.29 1.31 26.34
C GLU A 152 3.52 1.21 25.44
N LEU A 153 3.31 1.34 24.14
CA LEU A 153 4.38 1.13 23.15
C LEU A 153 5.22 2.35 22.83
N ILE A 154 4.59 3.51 22.93
CA ILE A 154 5.24 4.78 22.58
C ILE A 154 6.35 5.15 23.57
N PRO A 155 7.23 6.08 23.19
CA PRO A 155 8.27 6.50 24.14
C PRO A 155 7.66 6.86 25.48
N GLY A 156 8.30 6.33 26.52
CA GLY A 156 7.85 6.54 27.90
C GLY A 156 6.90 5.49 28.42
N GLY A 157 6.37 4.71 27.49
CA GLY A 157 5.45 3.63 27.83
C GLY A 157 6.16 2.38 28.29
N ALA A 158 5.48 1.59 29.11
CA ALA A 158 6.13 0.39 29.68
C ALA A 158 6.61 -0.63 28.66
N ARG A 159 5.93 -0.70 27.52
CA ARG A 159 6.29 -1.66 26.47
C ARG A 159 7.09 -1.05 25.35
N HIS A 160 7.73 0.09 25.63
CA HIS A 160 8.52 0.75 24.56
C HIS A 160 9.61 -0.16 24.01
N ALA A 161 10.19 -0.99 24.88
CA ALA A 161 11.22 -1.96 24.42
C ALA A 161 10.65 -2.91 23.38
N THR A 162 9.37 -3.23 23.52
CA THR A 162 8.69 -4.12 22.57
C THR A 162 8.60 -3.48 21.19
N LEU A 163 8.27 -2.19 21.18
CA LEU A 163 8.15 -1.47 19.90
C LEU A 163 9.50 -1.49 19.17
N LYS A 164 10.56 -1.24 19.92
CA LYS A 164 11.91 -1.27 19.34
C LYS A 164 12.22 -2.66 18.78
N ALA A 165 11.93 -3.68 19.57
CA ALA A 165 12.21 -5.06 19.16
C ALA A 165 11.43 -5.43 17.91
N TYR A 166 10.18 -4.99 17.88
CA TYR A 166 9.31 -5.24 16.72
C TYR A 166 9.92 -4.60 15.47
N LEU A 167 10.27 -3.33 15.59
CA LEU A 167 10.82 -2.61 14.44
C LEU A 167 12.16 -3.21 13.99
N ASP A 168 12.93 -3.69 14.96
CA ASP A 168 14.22 -4.35 14.67
C ASP A 168 14.03 -5.54 13.72
N THR A 169 12.92 -6.23 13.83
CA THR A 169 12.69 -7.39 12.95
C THR A 169 12.57 -6.95 11.50
N PHE A 170 12.00 -5.77 11.28
CA PHE A 170 11.91 -5.22 9.92
C PHE A 170 13.29 -4.78 9.42
N VAL A 171 14.07 -4.17 10.30
CA VAL A 171 15.45 -3.82 9.95
C VAL A 171 16.19 -5.06 9.43
N ALA A 172 16.03 -6.16 10.14
CA ALA A 172 16.68 -7.44 9.75
C ALA A 172 16.14 -8.00 8.42
N PHE A 173 14.83 -7.90 8.28
CA PHE A 173 14.16 -8.34 7.04
C PHE A 173 14.67 -7.55 5.83
N ASN A 174 14.77 -6.25 6.03
CA ASN A 174 15.24 -5.33 4.99
C ASN A 174 16.68 -5.68 4.58
N GLU A 175 17.50 -6.07 5.56
CA GLU A 175 18.88 -6.50 5.24
C GLU A 175 18.94 -7.68 4.27
N GLY A 176 17.95 -8.53 4.38
CA GLY A 176 17.80 -9.69 3.50
C GLY A 176 17.36 -9.37 2.11
N LEU A 177 17.17 -8.09 1.84
CA LEU A 177 16.83 -7.63 0.50
C LEU A 177 18.00 -7.01 -0.22
N ALA A 178 19.10 -6.86 0.49
CA ALA A 178 20.28 -6.14 -0.04
C ALA A 178 21.10 -6.97 -0.98
N ASP A 179 21.72 -6.27 -1.91
CA ASP A 179 22.81 -6.85 -2.71
CA ASP A 179 22.80 -6.83 -2.72
C ASP A 179 24.02 -5.95 -2.59
N VAL A 180 25.16 -6.48 -2.94
CA VAL A 180 26.39 -5.70 -2.91
C VAL A 180 27.08 -5.86 -4.25
N ASP A 181 27.36 -4.71 -4.85
CA ASP A 181 27.94 -4.63 -6.19
C ASP A 181 29.44 -4.87 -6.18
N ALA A 182 30.01 -4.82 -7.38
CA ALA A 182 31.42 -5.15 -7.58
C ALA A 182 32.35 -4.17 -6.88
N GLN A 183 31.82 -2.98 -6.63
CA GLN A 183 32.57 -1.90 -5.98
C GLN A 183 32.44 -1.94 -4.47
N GLY A 184 31.62 -2.86 -4.00
CA GLY A 184 31.40 -3.06 -2.56
C GLY A 184 30.29 -2.22 -1.97
N ASN A 185 29.56 -1.56 -2.85
CA ASN A 185 28.40 -0.75 -2.43
C ASN A 185 27.14 -1.59 -2.30
N LYS A 186 26.44 -1.33 -1.22
CA LYS A 186 25.21 -2.03 -0.88
C LYS A 186 24.04 -1.33 -1.54
N HIS A 187 23.14 -2.13 -2.11
CA HIS A 187 21.91 -1.63 -2.74
C HIS A 187 20.71 -2.37 -2.22
N TYR A 188 19.60 -1.63 -2.13
CA TYR A 188 18.33 -2.17 -1.68
C TYR A 188 17.20 -1.83 -2.63
N PRO A 189 16.15 -2.64 -2.65
CA PRO A 189 14.95 -2.17 -3.29
C PRO A 189 14.33 -1.04 -2.47
N PRO A 190 13.93 0.06 -3.12
CA PRO A 190 13.10 1.01 -2.39
C PRO A 190 11.80 0.34 -1.97
N ILE A 191 11.30 0.75 -0.81
CA ILE A 191 10.05 0.22 -0.27
C ILE A 191 9.14 1.36 0.14
N ILE A 192 7.92 1.33 -0.35
CA ILE A 192 6.86 2.22 0.14
C ILE A 192 6.27 1.54 1.38
N PHE A 193 6.74 2.00 2.52
CA PHE A 193 6.40 1.44 3.84
C PHE A 193 5.14 2.13 4.33
N ARG A 194 4.12 1.34 4.59
CA ARG A 194 2.77 1.83 4.89
C ARG A 194 2.25 1.24 6.20
N PRO A 195 2.78 1.72 7.34
CA PRO A 195 2.45 1.16 8.66
C PRO A 195 1.21 1.78 9.26
N TRP A 196 0.69 1.11 10.28
CA TRP A 196 -0.34 1.70 11.15
C TRP A 196 -1.50 2.26 10.36
N HIS A 197 -1.94 1.48 9.40
CA HIS A 197 -2.95 1.94 8.43
C HIS A 197 -4.38 1.92 8.97
N GLU A 198 -5.24 2.67 8.29
CA GLU A 198 -6.69 2.71 8.60
C GLU A 198 -6.95 3.04 10.06
N HIS A 199 -6.12 3.95 10.55
CA HIS A 199 -6.09 4.28 11.98
C HIS A 199 -7.29 5.10 12.44
N ASN A 200 -8.03 5.63 11.47
CA ASN A 200 -9.29 6.34 11.76
C ASN A 200 -10.48 5.40 11.92
N GLY A 201 -10.26 4.14 11.58
CA GLY A 201 -11.20 3.07 11.91
C GLY A 201 -10.93 2.55 13.30
N ASP A 202 -11.85 1.73 13.79
CA ASP A 202 -11.77 1.19 15.16
C ASP A 202 -11.52 -0.31 15.19
N TRP A 203 -11.10 -0.85 14.07
CA TRP A 203 -10.95 -2.31 13.92
C TRP A 203 -9.59 -2.87 14.32
N PHE A 204 -8.57 -2.03 14.26
CA PHE A 204 -7.23 -2.42 14.68
C PHE A 204 -6.93 -1.82 16.05
N TRP A 205 -6.02 -2.45 16.78
CA TRP A 205 -5.69 -1.94 18.12
C TRP A 205 -5.02 -0.56 18.15
N TRP A 206 -4.49 -0.14 17.02
CA TRP A 206 -3.93 1.23 16.91
C TRP A 206 -4.95 2.25 16.42
N GLY A 207 -6.18 1.80 16.29
CA GLY A 207 -7.29 2.62 15.78
C GLY A 207 -8.00 3.49 16.79
N LYS A 208 -8.85 4.35 16.25
CA LYS A 208 -9.69 5.26 17.02
C LYS A 208 -10.50 4.44 18.02
N GLY A 209 -10.53 4.92 19.25
CA GLY A 209 -11.21 4.23 20.33
C GLY A 209 -10.29 3.39 21.20
N HIS A 210 -9.14 3.05 20.65
CA HIS A 210 -8.18 2.18 21.34
C HIS A 210 -6.86 2.84 21.65
N ALA A 211 -6.66 3.95 20.96
CA ALA A 211 -5.50 4.81 21.13
C ALA A 211 -5.93 6.25 20.98
N SER A 212 -5.42 7.11 21.83
CA SER A 212 -5.67 8.54 21.67
C SER A 212 -5.01 9.02 20.40
N GLU A 213 -5.56 10.12 19.88
CA GLU A 213 -5.00 10.72 18.67
C GLU A 213 -3.52 11.10 18.87
N GLN A 214 -3.23 11.68 20.03
CA GLN A 214 -1.88 12.15 20.32
C GLN A 214 -0.94 10.96 20.43
N ASP A 215 -1.43 9.88 21.01
CA ASP A 215 -0.59 8.66 21.15
C ASP A 215 -0.32 8.01 19.79
N TYR A 216 -1.33 8.00 18.94
CA TYR A 216 -1.13 7.52 17.57
C TYR A 216 -0.03 8.33 16.86
N ILE A 217 -0.11 9.63 17.00
CA ILE A 217 0.90 10.52 16.39
C ILE A 217 2.29 10.19 16.94
N ALA A 218 2.36 9.98 18.25
CA ALA A 218 3.61 9.61 18.88
C ALA A 218 4.18 8.29 18.34
N LEU A 219 3.28 7.35 18.11
CA LEU A 219 3.65 6.04 17.56
C LEU A 219 4.25 6.19 16.17
N TRP A 220 3.56 6.96 15.35
CA TRP A 220 4.01 7.20 13.97
C TRP A 220 5.37 7.89 13.96
N ARG A 221 5.47 8.96 14.73
CA ARG A 221 6.71 9.75 14.74
C ARG A 221 7.87 8.91 15.23
N PHE A 222 7.62 8.08 16.22
CA PHE A 222 8.68 7.20 16.70
C PHE A 222 9.13 6.21 15.63
N THR A 223 8.17 5.68 14.92
CA THR A 223 8.44 4.71 13.86
C THR A 223 9.41 5.31 12.84
N VAL A 224 9.12 6.53 12.43
CA VAL A 224 9.97 7.24 11.47
C VAL A 224 11.34 7.56 12.09
N HIS A 225 11.35 8.09 13.30
CA HIS A 225 12.64 8.40 13.95
C HIS A 225 13.49 7.14 14.06
N TYR A 226 12.86 6.06 14.47
CA TYR A 226 13.60 4.83 14.75
C TYR A 226 14.19 4.25 13.47
N LEU A 227 13.37 4.14 12.44
CA LEU A 227 13.83 3.53 11.19
C LEU A 227 14.76 4.44 10.40
N ARG A 228 14.38 5.70 10.26
CA ARG A 228 15.14 6.65 9.46
C ARG A 228 16.38 7.15 10.17
N ASP A 229 16.23 7.48 11.45
CA ASP A 229 17.28 8.22 12.16
C ASP A 229 18.16 7.34 13.04
N GLU A 230 17.54 6.43 13.79
CA GLU A 230 18.32 5.57 14.68
CA GLU A 230 18.31 5.55 14.68
C GLU A 230 18.98 4.43 13.89
N LYS A 231 18.18 3.77 13.08
CA LYS A 231 18.62 2.61 12.31
C LYS A 231 19.18 2.93 10.94
N LYS A 232 18.95 4.17 10.52
CA LYS A 232 19.52 4.71 9.29
C LYS A 232 19.14 3.93 8.03
N LEU A 233 17.91 3.48 8.00
CA LEU A 233 17.36 2.93 6.74
C LEU A 233 17.16 4.08 5.77
N ARG A 234 17.62 3.88 4.54
CA ARG A 234 17.66 4.93 3.51
C ARG A 234 16.85 4.59 2.27
N ASN A 235 16.17 3.46 2.35
CA ASN A 235 15.41 2.92 1.21
C ASN A 235 13.90 2.90 1.41
N LEU A 236 13.44 3.74 2.33
CA LEU A 236 11.99 3.83 2.63
C LEU A 236 11.35 5.13 2.18
N ILE A 237 10.13 4.96 1.70
CA ILE A 237 9.16 6.02 1.39
C ILE A 237 7.94 5.75 2.26
N TYR A 238 7.53 6.73 3.05
CA TYR A 238 6.51 6.49 4.10
C TYR A 238 5.12 6.90 3.63
N ALA A 239 4.20 5.94 3.69
CA ALA A 239 2.81 6.11 3.22
C ALA A 239 1.83 6.05 4.39
N TYR A 240 1.01 7.09 4.41
CA TYR A 240 -0.09 7.34 5.37
C TYR A 240 -1.40 6.95 4.70
N SER A 241 -2.24 6.19 5.39
CA SER A 241 -3.42 5.61 4.74
C SER A 241 -4.68 5.42 5.61
N PRO A 242 -5.38 6.54 5.90
CA PRO A 242 -6.72 6.44 6.50
C PRO A 242 -7.68 5.67 5.61
N ASP A 243 -8.75 5.20 6.23
CA ASP A 243 -9.84 4.52 5.53
C ASP A 243 -10.97 5.48 5.20
N ARG A 244 -11.32 5.51 3.93
CA ARG A 244 -12.40 6.39 3.43
CA ARG A 244 -12.37 6.41 3.47
C ARG A 244 -13.73 6.14 4.13
N SER A 245 -13.94 4.90 4.54
CA SER A 245 -15.25 4.50 5.09
C SER A 245 -15.56 5.19 6.41
N ARG A 246 -14.55 5.77 7.02
CA ARG A 246 -14.71 6.47 8.31
C ARG A 246 -14.36 7.96 8.19
N ILE A 247 -14.43 8.46 6.96
CA ILE A 247 -14.30 9.90 6.69
C ILE A 247 -15.65 10.45 6.25
N ASP A 248 -16.03 11.56 6.88
CA ASP A 248 -17.25 12.29 6.52
C ASP A 248 -16.96 13.09 5.26
N MET A 249 -17.67 12.76 4.20
CA MET A 249 -17.43 13.39 2.89
C MET A 249 -17.74 14.89 2.88
N ALA A 250 -18.52 15.34 3.86
CA ALA A 250 -18.83 16.78 3.99
C ALA A 250 -17.66 17.56 4.60
N ASN A 251 -16.73 16.80 5.16
CA ASN A 251 -15.62 17.33 5.94
CA ASN A 251 -15.59 17.36 5.89
C ASN A 251 -14.37 16.47 5.72
N PHE A 252 -14.04 16.26 4.46
CA PHE A 252 -13.04 15.26 4.09
C PHE A 252 -11.67 15.52 4.69
N GLU A 253 -11.20 16.74 4.55
CA GLU A 253 -9.84 17.08 4.98
C GLU A 253 -9.66 16.84 6.48
N ALA A 254 -10.65 17.28 7.25
CA ALA A 254 -10.58 17.11 8.70
C ALA A 254 -10.53 15.64 9.10
N GLY A 255 -11.32 14.84 8.41
CA GLY A 255 -11.38 13.41 8.66
C GLY A 255 -10.09 12.72 8.27
N TYR A 256 -9.58 13.14 7.12
CA TYR A 256 -8.34 12.59 6.55
C TYR A 256 -7.16 12.83 7.51
N LEU A 257 -7.17 14.02 8.10
CA LEU A 257 -6.03 14.47 8.90
C LEU A 257 -6.12 14.10 10.39
N TYR A 258 -7.16 13.35 10.73
CA TYR A 258 -7.25 12.74 12.07
C TYR A 258 -6.02 11.87 12.24
N GLY A 259 -5.23 12.16 13.25
CA GLY A 259 -4.02 11.41 13.55
C GLY A 259 -2.86 11.65 12.61
N TYR A 260 -2.97 12.67 11.77
CA TYR A 260 -1.89 12.96 10.82
C TYR A 260 -0.64 13.43 11.58
N PRO A 261 0.51 12.80 11.32
CA PRO A 261 1.66 13.05 12.20
C PRO A 261 2.51 14.25 11.86
N GLY A 262 2.25 14.84 10.70
CA GLY A 262 3.00 15.97 10.19
C GLY A 262 3.73 15.67 8.90
N ASP A 263 3.97 16.73 8.14
CA ASP A 263 4.60 16.61 6.82
C ASP A 263 6.02 16.07 6.89
N ALA A 264 6.65 16.21 8.05
CA ALA A 264 8.02 15.74 8.25
C ALA A 264 8.10 14.24 8.44
N TYR A 265 6.94 13.59 8.38
CA TYR A 265 6.82 12.15 8.68
C TYR A 265 6.10 11.33 7.63
N VAL A 266 5.73 11.98 6.53
CA VAL A 266 4.92 11.33 5.47
C VAL A 266 5.40 11.76 4.10
N ASP A 267 5.49 10.77 3.21
CA ASP A 267 5.85 10.98 1.80
C ASP A 267 4.68 10.77 0.83
N ILE A 268 3.84 9.79 1.15
CA ILE A 268 2.69 9.42 0.30
C ILE A 268 1.40 9.60 1.09
N ILE A 269 0.54 10.38 0.50
CA ILE A 269 -0.79 10.72 1.00
C ILE A 269 -1.73 9.66 0.40
N GLY A 270 -1.85 8.57 1.14
CA GLY A 270 -2.62 7.39 0.73
C GLY A 270 -4.03 7.37 1.26
N LEU A 271 -4.75 6.35 0.82
CA LEU A 271 -6.16 6.17 1.16
C LEU A 271 -6.56 4.75 0.86
N ASP A 272 -7.24 4.14 1.81
CA ASP A 272 -7.86 2.83 1.63
C ASP A 272 -9.35 3.08 1.38
N ASN A 273 -9.82 2.70 0.21
CA ASN A 273 -11.21 2.95 -0.18
C ASN A 273 -11.82 1.80 -0.93
N TYR A 274 -12.36 0.88 -0.15
CA TYR A 274 -13.20 -0.21 -0.65
C TYR A 274 -14.67 0.23 -0.68
N TRP A 275 -14.94 1.32 0.00
CA TRP A 275 -16.31 1.76 0.25
C TRP A 275 -17.05 2.15 -1.03
N ASP A 276 -16.39 2.97 -1.82
CA ASP A 276 -17.01 3.60 -3.01
C ASP A 276 -16.94 2.72 -4.26
N VAL A 277 -16.48 1.50 -4.07
CA VAL A 277 -16.31 0.54 -5.18
C VAL A 277 -17.12 -0.72 -4.93
N GLY A 278 -18.19 -0.55 -4.18
CA GLY A 278 -19.23 -1.60 -4.07
C GLY A 278 -19.25 -2.45 -2.83
N HIS A 279 -18.68 -1.92 -1.78
CA HIS A 279 -18.69 -2.62 -0.47
C HIS A 279 -20.12 -3.02 -0.13
N GLU A 280 -20.26 -4.26 0.33
CA GLU A 280 -21.58 -4.86 0.57
C GLU A 280 -22.45 -4.08 1.55
N ALA A 281 -21.80 -3.36 2.45
CA ALA A 281 -22.50 -2.62 3.53
C ALA A 281 -22.88 -1.20 3.12
N ASN A 282 -22.44 -0.79 1.94
CA ASN A 282 -22.71 0.56 1.43
C ASN A 282 -24.02 0.59 0.64
N THR A 283 -24.99 1.32 1.15
CA THR A 283 -26.33 1.37 0.53
C THR A 283 -26.46 2.42 -0.56
N ALA A 284 -25.41 3.19 -0.75
CA ALA A 284 -25.40 4.22 -1.82
C ALA A 284 -25.55 3.55 -3.17
N SER A 285 -26.23 4.22 -4.08
CA SER A 285 -26.38 3.75 -5.46
C SER A 285 -25.03 3.73 -6.13
N ALA A 286 -24.95 2.94 -7.19
CA ALA A 286 -23.70 2.85 -7.98
C ALA A 286 -23.27 4.22 -8.44
N ASP A 287 -24.23 5.03 -8.86
CA ASP A 287 -23.90 6.37 -9.35
C ASP A 287 -23.38 7.29 -8.26
N GLU A 288 -23.94 7.14 -7.09
CA GLU A 288 -23.49 7.92 -5.92
CA GLU A 288 -23.50 7.92 -5.93
C GLU A 288 -22.09 7.49 -5.53
N GLN A 289 -21.85 6.19 -5.62
CA GLN A 289 -20.54 5.61 -5.26
C GLN A 289 -19.45 6.08 -6.22
N LYS A 290 -19.77 6.06 -7.49
CA LYS A 290 -18.82 6.54 -8.50
C LYS A 290 -18.45 7.99 -8.20
N ALA A 291 -19.46 8.80 -7.89
CA ALA A 291 -19.21 10.22 -7.64
C ALA A 291 -18.34 10.40 -6.39
N ALA A 292 -18.60 9.56 -5.39
CA ALA A 292 -17.86 9.62 -4.13
C ALA A 292 -16.41 9.19 -4.31
N LEU A 293 -16.20 8.19 -5.14
CA LEU A 293 -14.83 7.74 -5.42
C LEU A 293 -14.03 8.90 -6.03
N THR A 294 -14.62 9.53 -7.03
CA THR A 294 -13.95 10.65 -7.69
C THR A 294 -13.68 11.78 -6.68
N ALA A 295 -14.68 12.09 -5.89
CA ALA A 295 -14.57 13.20 -4.91
C ALA A 295 -13.50 12.93 -3.87
N SER A 296 -13.45 11.68 -3.42
CA SER A 296 -12.46 11.27 -2.41
C SER A 296 -11.04 11.43 -2.94
N LEU A 297 -10.86 11.04 -4.19
CA LEU A 297 -9.51 11.07 -4.81
C LEU A 297 -9.13 12.49 -5.19
N LYS A 298 -10.11 13.27 -5.61
CA LYS A 298 -9.90 14.69 -5.91
C LYS A 298 -9.38 15.41 -4.68
N GLN A 299 -10.05 15.17 -3.57
CA GLN A 299 -9.69 15.81 -2.30
C GLN A 299 -8.36 15.32 -1.75
N LEU A 300 -8.13 14.03 -1.94
CA LEU A 300 -6.84 13.41 -1.56
C LEU A 300 -5.70 14.10 -2.28
N VAL A 301 -5.88 14.27 -3.58
CA VAL A 301 -4.87 14.93 -4.43
C VAL A 301 -4.66 16.39 -4.05
N GLN A 302 -5.75 17.06 -3.72
CA GLN A 302 -5.65 18.46 -3.26
C GLN A 302 -4.81 18.58 -1.99
N ILE A 303 -5.01 17.64 -1.09
CA ILE A 303 -4.23 17.58 0.16
C ILE A 303 -2.77 17.33 -0.18
N ALA A 304 -2.53 16.35 -1.03
CA ALA A 304 -1.15 16.03 -1.42
C ALA A 304 -0.45 17.24 -2.06
N ARG A 305 -1.18 17.92 -2.91
CA ARG A 305 -0.64 19.08 -3.63
CA ARG A 305 -0.63 19.08 -3.63
C ARG A 305 -0.24 20.17 -2.63
N SER A 306 -1.11 20.39 -1.68
CA SER A 306 -0.88 21.44 -0.67
CA SER A 306 -0.88 21.44 -0.67
CA SER A 306 -0.88 21.44 -0.68
C SER A 306 0.35 21.16 0.18
N LYS A 307 0.61 19.88 0.35
CA LYS A 307 1.70 19.40 1.21
C LYS A 307 2.98 19.02 0.50
N GLY A 308 2.95 19.13 -0.83
CA GLY A 308 4.11 18.78 -1.64
C GLY A 308 4.43 17.30 -1.64
N LYS A 309 3.38 16.49 -1.59
CA LYS A 309 3.49 15.03 -1.53
C LYS A 309 2.90 14.40 -2.79
N ILE A 310 2.86 13.08 -2.80
CA ILE A 310 2.23 12.31 -3.88
C ILE A 310 1.09 11.50 -3.27
N ALA A 311 -0.03 11.46 -3.97
CA ALA A 311 -1.22 10.72 -3.52
C ALA A 311 -1.32 9.37 -4.22
N ALA A 312 -1.97 8.45 -3.53
CA ALA A 312 -2.20 7.10 -4.08
C ALA A 312 -3.40 6.45 -3.42
N LEU A 313 -4.05 5.59 -4.20
CA LEU A 313 -5.14 4.76 -3.69
C LEU A 313 -4.51 3.44 -3.27
N THR A 314 -4.14 3.39 -2.00
CA THR A 314 -3.27 2.35 -1.47
C THR A 314 -3.92 0.99 -1.22
N GLU A 315 -5.23 1.00 -1.03
CA GLU A 315 -6.02 -0.23 -1.03
C GLU A 315 -7.40 0.04 -1.60
N THR A 316 -7.85 -0.88 -2.43
CA THR A 316 -9.21 -0.86 -2.96
C THR A 316 -9.54 -2.22 -3.55
N GLY A 317 -10.75 -2.32 -4.07
CA GLY A 317 -11.19 -3.51 -4.78
C GLY A 317 -12.59 -3.94 -4.41
N ASN A 318 -13.10 -4.84 -5.22
CA ASN A 318 -14.41 -5.48 -5.03
C ASN A 318 -14.20 -6.95 -4.75
N ASN A 319 -14.42 -7.34 -3.51
CA ASN A 319 -14.16 -8.73 -3.09
C ASN A 319 -15.03 -9.69 -3.89
N ARG A 320 -14.35 -10.63 -4.50
CA ARG A 320 -14.95 -11.68 -5.32
C ARG A 320 -15.44 -11.19 -6.68
N LEU A 321 -15.18 -9.92 -6.95
CA LEU A 321 -15.37 -9.36 -8.31
C LEU A 321 -16.73 -9.74 -8.91
N THR A 322 -17.72 -9.32 -8.17
CA THR A 322 -19.14 -9.58 -8.47
C THR A 322 -19.81 -8.54 -9.35
N ILE A 323 -19.11 -7.43 -9.55
CA ILE A 323 -19.63 -6.27 -10.29
C ILE A 323 -19.20 -6.32 -11.76
N ASP A 324 -20.18 -6.33 -12.64
CA ASP A 324 -19.93 -6.33 -14.09
CA ASP A 324 -19.92 -6.35 -14.08
C ASP A 324 -19.08 -5.14 -14.49
N ASN A 325 -18.06 -5.42 -15.27
CA ASN A 325 -17.14 -4.38 -15.77
C ASN A 325 -16.61 -3.52 -14.63
N PHE A 326 -16.28 -4.18 -13.53
CA PHE A 326 -15.77 -3.47 -12.35
C PHE A 326 -14.63 -2.51 -12.68
N TRP A 327 -13.68 -3.04 -13.43
CA TRP A 327 -12.39 -2.37 -13.64
C TRP A 327 -12.55 -1.07 -14.40
N THR A 328 -13.27 -1.14 -15.51
CA THR A 328 -13.40 0.03 -16.37
C THR A 328 -14.48 0.97 -15.87
N GLU A 329 -15.56 0.41 -15.33
CA GLU A 329 -16.72 1.24 -14.95
C GLU A 329 -16.67 1.77 -13.52
N ARG A 330 -16.08 1.01 -12.62
CA ARG A 330 -16.14 1.37 -11.20
C ARG A 330 -14.83 1.89 -10.64
N LEU A 331 -13.73 1.55 -11.32
CA LEU A 331 -12.41 2.00 -10.88
C LEU A 331 -11.80 3.02 -11.82
N LEU A 332 -11.47 2.60 -13.04
CA LEU A 332 -10.82 3.51 -13.99
C LEU A 332 -11.67 4.71 -14.39
N GLY A 333 -12.94 4.45 -14.66
CA GLY A 333 -13.84 5.53 -15.09
C GLY A 333 -13.88 6.69 -14.11
N PRO A 334 -14.19 6.40 -12.83
CA PRO A 334 -14.27 7.51 -11.88
C PRO A 334 -12.95 8.20 -11.59
N ILE A 335 -11.85 7.47 -11.72
CA ILE A 335 -10.52 8.08 -11.57
C ILE A 335 -10.23 9.05 -12.71
N SER A 336 -10.54 8.60 -13.92
CA SER A 336 -10.22 9.34 -15.14
CA SER A 336 -10.23 9.33 -15.16
C SER A 336 -11.18 10.50 -15.41
N ALA A 337 -12.26 10.54 -14.64
CA ALA A 337 -13.34 11.54 -14.85
C ALA A 337 -12.94 12.95 -14.46
N ASP A 338 -11.94 13.02 -13.59
CA ASP A 338 -11.53 14.29 -12.98
C ASP A 338 -10.00 14.35 -12.96
N ALA A 339 -9.45 15.44 -13.43
CA ALA A 339 -8.00 15.57 -13.64
C ALA A 339 -7.23 15.65 -12.35
N ASP A 340 -7.92 16.06 -11.29
CA ASP A 340 -7.32 16.05 -9.94
C ASP A 340 -7.27 14.61 -9.45
N ALA A 341 -8.43 13.96 -9.49
CA ALA A 341 -8.51 12.54 -9.06
C ALA A 341 -7.48 11.68 -9.78
N SER A 342 -7.27 12.00 -11.05
CA SER A 342 -6.37 11.22 -11.92
CA SER A 342 -6.38 11.19 -11.90
C SER A 342 -4.91 11.34 -11.54
N GLU A 343 -4.60 12.32 -10.71
CA GLU A 343 -3.20 12.60 -10.33
CA GLU A 343 -3.21 12.63 -10.33
C GLU A 343 -2.65 11.68 -9.26
N ILE A 344 -3.48 10.75 -8.81
CA ILE A 344 -2.94 9.66 -7.99
C ILE A 344 -1.90 8.89 -8.80
N ALA A 345 -0.88 8.38 -8.11
CA ALA A 345 0.25 7.70 -8.78
C ALA A 345 0.00 6.21 -9.04
N TYR A 346 -0.73 5.60 -8.15
CA TYR A 346 -1.00 4.17 -8.24
C TYR A 346 -2.27 3.79 -7.50
N VAL A 347 -2.74 2.60 -7.85
CA VAL A 347 -3.89 1.98 -7.21
CA VAL A 347 -3.93 1.96 -7.24
C VAL A 347 -3.58 0.51 -6.97
N MET A 348 -3.76 0.07 -5.74
CA MET A 348 -3.47 -1.33 -5.37
C MET A 348 -4.73 -2.03 -4.87
N VAL A 349 -4.96 -3.22 -5.40
CA VAL A 349 -6.04 -4.08 -4.92
C VAL A 349 -5.49 -5.19 -4.05
N TRP A 350 -6.35 -5.71 -3.19
CA TRP A 350 -5.93 -6.67 -2.14
C TRP A 350 -5.76 -8.08 -2.71
N ARG A 351 -5.44 -9.01 -1.82
CA ARG A 351 -4.87 -10.31 -2.21
C ARG A 351 -5.90 -11.28 -2.74
N ASN A 352 -5.37 -12.26 -3.46
CA ASN A 352 -6.14 -13.35 -4.06
C ASN A 352 -5.96 -14.60 -3.23
N ALA A 353 -6.67 -14.65 -2.12
CA ALA A 353 -6.53 -15.74 -1.14
C ALA A 353 -6.71 -17.10 -1.78
N ASN A 354 -5.85 -18.03 -1.35
CA ASN A 354 -5.85 -19.40 -1.87
C ASN A 354 -7.01 -20.19 -1.26
N LEU A 355 -7.87 -20.67 -2.13
CA LEU A 355 -9.12 -21.34 -1.71
C LEU A 355 -8.85 -22.60 -0.91
N ALA A 356 -7.92 -23.39 -1.42
CA ALA A 356 -7.61 -24.74 -0.88
C ALA A 356 -7.15 -24.67 0.54
N ARG A 357 -6.52 -23.55 0.83
CA ARG A 357 -5.84 -23.30 2.09
C ARG A 357 -6.74 -22.56 3.05
N GLU A 358 -7.41 -21.54 2.54
CA GLU A 358 -8.16 -20.59 3.39
C GLU A 358 -9.65 -20.81 3.56
N LYS A 359 -10.19 -21.64 2.70
CA LYS A 359 -11.54 -22.18 2.90
C LYS A 359 -12.62 -21.16 2.60
N SER A 360 -12.26 -20.06 2.00
CA SER A 360 -13.33 -19.23 1.54
C SER A 360 -12.86 -18.37 0.44
N GLU A 361 -13.81 -17.73 -0.19
CA GLU A 361 -13.46 -16.99 -1.36
C GLU A 361 -13.20 -15.60 -0.96
N GLN A 362 -12.01 -15.16 -1.31
CA GLN A 362 -11.63 -13.78 -1.10
C GLN A 362 -10.60 -13.46 -2.16
N PHE A 363 -10.93 -12.51 -3.03
CA PHE A 363 -9.98 -12.12 -4.07
C PHE A 363 -10.38 -10.79 -4.66
N PHE A 364 -9.39 -10.07 -5.14
CA PHE A 364 -9.62 -8.72 -5.67
C PHE A 364 -9.07 -8.47 -7.06
N ALA A 365 -8.26 -9.41 -7.55
CA ALA A 365 -7.86 -9.44 -8.97
C ALA A 365 -8.48 -10.69 -9.58
N PRO A 366 -8.77 -10.67 -10.89
CA PRO A 366 -9.29 -11.90 -11.46
C PRO A 366 -8.23 -12.97 -11.65
N PHE A 367 -8.73 -14.11 -12.08
CA PHE A 367 -7.93 -15.26 -12.52
C PHE A 367 -8.59 -15.76 -13.81
N PRO A 368 -7.90 -16.59 -14.59
CA PRO A 368 -8.52 -17.00 -15.84
C PRO A 368 -9.89 -17.63 -15.63
N GLY A 369 -10.83 -17.16 -16.42
CA GLY A 369 -12.20 -17.64 -16.36
C GLY A 369 -13.12 -16.88 -15.44
N GLN A 370 -12.55 -16.04 -14.58
CA GLN A 370 -13.36 -15.20 -13.67
C GLN A 370 -14.12 -14.17 -14.51
N ALA A 371 -15.31 -13.83 -14.05
CA ALA A 371 -16.27 -13.02 -14.85
C ALA A 371 -15.70 -11.69 -15.33
N THR A 372 -14.84 -11.10 -14.50
CA THR A 372 -14.31 -9.76 -14.81
C THR A 372 -12.98 -9.79 -15.54
N ALA A 373 -12.56 -10.97 -15.95
CA ALA A 373 -11.23 -11.12 -16.57
C ALA A 373 -11.06 -10.28 -17.83
N ASP A 374 -12.05 -10.31 -18.71
CA ASP A 374 -11.94 -9.52 -19.95
C ASP A 374 -11.92 -8.01 -19.67
N ASP A 375 -12.71 -7.58 -18.70
CA ASP A 375 -12.73 -6.16 -18.32
C ASP A 375 -11.41 -5.74 -17.68
N PHE A 376 -10.79 -6.68 -16.99
CA PHE A 376 -9.45 -6.47 -16.40
C PHE A 376 -8.40 -6.32 -17.52
N LYS A 377 -8.57 -7.12 -18.56
CA LYS A 377 -7.72 -7.00 -19.74
C LYS A 377 -7.87 -5.59 -20.33
N ARG A 378 -9.10 -5.10 -20.39
CA ARG A 378 -9.35 -3.73 -20.88
C ARG A 378 -8.66 -2.69 -20.00
N PHE A 379 -8.77 -2.89 -18.70
CA PHE A 379 -8.10 -2.01 -17.71
C PHE A 379 -6.60 -1.96 -17.95
N TYR A 380 -6.00 -3.14 -18.05
CA TYR A 380 -4.59 -3.30 -18.41
C TYR A 380 -4.24 -2.59 -19.71
N GLN A 381 -5.10 -2.80 -20.70
CA GLN A 381 -4.84 -2.28 -22.05
C GLN A 381 -4.85 -0.77 -22.12
N SER A 382 -5.60 -0.15 -21.23
CA SER A 382 -5.74 1.32 -21.17
CA SER A 382 -5.74 1.31 -21.25
C SER A 382 -4.38 1.98 -21.24
N GLU A 383 -4.28 3.00 -22.06
CA GLU A 383 -3.03 3.74 -22.15
CA GLU A 383 -3.05 3.77 -22.14
C GLU A 383 -2.63 4.36 -20.80
N VAL A 384 -3.62 4.66 -19.98
CA VAL A 384 -3.38 5.31 -18.69
C VAL A 384 -2.71 4.36 -17.71
N VAL A 385 -3.16 3.12 -17.72
CA VAL A 385 -2.77 2.14 -16.68
C VAL A 385 -1.50 1.41 -17.06
N LEU A 386 -0.55 1.42 -16.15
CA LEU A 386 0.72 0.73 -16.34
C LEU A 386 0.85 -0.47 -15.42
N PHE A 387 1.14 -1.58 -16.05
CA PHE A 387 1.61 -2.80 -15.38
C PHE A 387 3.13 -2.88 -15.54
N GLU A 388 3.73 -3.95 -15.03
CA GLU A 388 5.20 -4.04 -15.01
C GLU A 388 5.82 -3.94 -16.40
N ASP A 389 5.10 -4.47 -17.37
CA ASP A 389 5.63 -4.60 -18.74
C ASP A 389 5.85 -3.32 -19.50
N GLU A 390 5.19 -2.24 -19.07
CA GLU A 390 5.34 -0.95 -19.75
C GLU A 390 5.82 0.16 -18.83
N LEU A 391 6.32 -0.21 -17.67
CA LEU A 391 6.94 0.80 -16.79
C LEU A 391 8.18 1.40 -17.43
N PRO A 392 8.33 2.72 -17.34
CA PRO A 392 9.62 3.28 -17.68
C PRO A 392 10.61 2.93 -16.57
N PRO A 393 11.90 3.18 -16.78
CA PRO A 393 12.86 2.85 -15.75
CA PRO A 393 12.88 2.87 -15.76
C PRO A 393 12.65 3.81 -14.59
N LEU A 394 12.22 3.28 -13.46
CA LEU A 394 11.82 4.13 -12.34
C LEU A 394 12.95 4.48 -11.41
N TYR A 395 14.05 3.74 -11.55
CA TYR A 395 15.12 3.78 -10.55
C TYR A 395 16.39 4.47 -10.99
N ARG A 396 16.27 5.18 -12.10
CA ARG A 396 17.36 6.03 -12.57
C ARG A 396 16.90 7.48 -12.64
#